data_2ZJB
#
_entry.id   2ZJB
#
_cell.length_a   124.089
_cell.length_b   124.089
_cell.length_c   217.870
_cell.angle_alpha   90.00
_cell.angle_beta   90.00
_cell.angle_gamma   90.00
#
_symmetry.space_group_name_H-M   'I 4 2 2'
#
_entity_poly.entity_id   1
_entity_poly.type   'polypeptide(L)'
_entity_poly.pdbx_seq_one_letter_code
;GSHMKEDQVVAEEPGFQDEEESLFQDIDLLQKHGINVADIKKLKSVGICTIKGIQMTTRRALCNVKGLSEAKVDKIKEAA
NKLIEPGFLTAFEYSEKRKMVFHITTGSQEFDKLLGGGIESMAITEAFGEFRTGKTQLSHTLCVTAQLPGAGGYPGGKII
FIDTENTFRPDRLRDIADRFNVDHDAVLDNVLYARAYTSEHQVELLDYVAAKFHEEAGIFKLLIIDSIMALFRVDFSGRG
ELAERQQKLAQMLSRLQKISEEYNVAVFVTNQMTADPGATMTFQADPKKPIGGHILAHASTTRISLRKGRGELRIAKIYD
SPEMPENEATFAITAGGIGDAKE
;
_entity_poly.pdbx_strand_id   A,B
#
# COMPACT_ATOMS: atom_id res chain seq x y z
N PRO A 86 -11.91 5.11 17.47
CA PRO A 86 -10.45 5.07 17.73
C PRO A 86 -9.66 5.75 16.62
N GLY A 87 -8.34 5.81 16.79
CA GLY A 87 -7.49 6.42 15.78
C GLY A 87 -7.54 5.65 14.48
N PHE A 88 -8.30 4.55 14.48
CA PHE A 88 -8.47 3.72 13.29
C PHE A 88 -9.75 2.88 13.35
N LEU A 89 -10.29 2.52 12.17
CA LEU A 89 -11.53 1.77 12.11
C LEU A 89 -11.37 0.26 12.02
N THR A 90 -12.49 -0.39 11.70
CA THR A 90 -12.59 -1.83 11.57
C THR A 90 -12.40 -2.25 10.11
N ALA A 91 -12.41 -3.55 9.86
CA ALA A 91 -12.22 -4.05 8.51
C ALA A 91 -13.49 -3.86 7.70
N PHE A 92 -14.62 -4.32 8.23
CA PHE A 92 -15.88 -4.14 7.54
C PHE A 92 -15.94 -2.65 7.22
N GLU A 93 -15.97 -1.83 8.27
CA GLU A 93 -16.03 -0.37 8.14
C GLU A 93 -15.11 0.20 7.04
N TYR A 94 -13.93 -0.40 6.85
CA TYR A 94 -13.04 0.07 5.81
C TYR A 94 -13.61 -0.42 4.49
N SER A 95 -13.93 -1.72 4.41
CA SER A 95 -14.49 -2.26 3.17
C SER A 95 -15.74 -1.49 2.79
N GLU A 96 -16.26 -0.72 3.75
CA GLU A 96 -17.43 0.11 3.51
C GLU A 96 -16.96 1.24 2.61
N LYS A 97 -15.86 1.87 3.02
CA LYS A 97 -15.27 2.96 2.27
C LYS A 97 -14.86 2.53 0.89
N ARG A 98 -13.96 1.55 0.80
CA ARG A 98 -13.52 1.06 -0.50
C ARG A 98 -14.59 0.89 -1.61
N LYS A 99 -15.86 0.83 -1.24
CA LYS A 99 -16.89 0.69 -2.27
C LYS A 99 -16.98 1.99 -3.09
N MET A 100 -16.08 2.93 -2.81
CA MET A 100 -16.04 4.21 -3.53
C MET A 100 -14.85 4.31 -4.46
N VAL A 101 -14.01 3.29 -4.47
CA VAL A 101 -12.84 3.27 -5.33
C VAL A 101 -13.28 3.18 -6.77
N PHE A 102 -13.10 4.26 -7.52
CA PHE A 102 -13.51 4.32 -8.91
C PHE A 102 -12.33 4.51 -9.79
N HIS A 103 -12.52 4.34 -11.09
CA HIS A 103 -11.41 4.53 -11.99
C HIS A 103 -11.69 5.55 -13.10
N ILE A 104 -10.76 6.46 -13.30
CA ILE A 104 -10.94 7.42 -14.36
C ILE A 104 -10.21 6.79 -15.52
N THR A 105 -10.90 6.70 -16.66
CA THR A 105 -10.33 6.07 -17.85
C THR A 105 -9.22 6.87 -18.50
N THR A 106 -8.57 6.24 -19.46
CA THR A 106 -7.48 6.84 -20.20
C THR A 106 -7.86 6.93 -21.66
N GLY A 107 -9.01 6.34 -22.00
CA GLY A 107 -9.44 6.36 -23.39
C GLY A 107 -8.78 5.24 -24.17
N SER A 108 -7.85 4.55 -23.51
CA SER A 108 -7.12 3.44 -24.10
C SER A 108 -7.51 2.14 -23.42
N GLN A 109 -8.65 1.58 -23.81
CA GLN A 109 -9.14 0.35 -23.23
C GLN A 109 -8.05 -0.62 -22.75
N GLU A 110 -7.14 -1.01 -23.64
CA GLU A 110 -6.09 -1.93 -23.25
C GLU A 110 -5.32 -1.37 -22.06
N PHE A 111 -5.05 -0.07 -22.10
CA PHE A 111 -4.32 0.57 -21.02
C PHE A 111 -5.16 0.44 -19.75
N ASP A 112 -6.44 0.80 -19.86
CA ASP A 112 -7.37 0.74 -18.73
C ASP A 112 -7.39 -0.68 -18.15
N LYS A 113 -7.21 -1.68 -19.00
CA LYS A 113 -7.21 -3.06 -18.55
C LYS A 113 -6.04 -3.29 -17.61
N LEU A 114 -4.90 -2.68 -17.91
CA LEU A 114 -3.73 -2.83 -17.07
C LEU A 114 -4.05 -2.34 -15.67
N LEU A 115 -4.60 -1.13 -15.57
CA LEU A 115 -4.96 -0.53 -14.28
C LEU A 115 -6.32 -1.06 -13.83
N GLY A 116 -6.74 -2.17 -14.42
CA GLY A 116 -8.00 -2.78 -14.08
C GLY A 116 -9.07 -1.73 -14.04
N GLY A 117 -9.15 -0.93 -15.09
CA GLY A 117 -10.14 0.13 -15.16
C GLY A 117 -9.56 1.52 -15.31
N GLY A 118 -8.23 1.62 -15.41
CA GLY A 118 -7.58 2.91 -15.55
C GLY A 118 -7.09 3.50 -14.24
N ILE A 119 -7.01 4.82 -14.16
CA ILE A 119 -6.57 5.50 -12.95
C ILE A 119 -7.45 5.08 -11.79
N GLU A 120 -6.87 4.84 -10.62
CA GLU A 120 -7.64 4.42 -9.44
C GLU A 120 -7.79 5.56 -8.41
N SER A 121 -8.67 5.37 -7.44
CA SER A 121 -8.87 6.38 -6.39
C SER A 121 -8.14 5.93 -5.13
N MET A 122 -8.08 6.79 -4.10
CA MET A 122 -7.36 6.45 -2.87
C MET A 122 -6.07 5.76 -3.28
N ALA A 123 -5.35 6.40 -4.20
CA ALA A 123 -4.12 5.85 -4.73
C ALA A 123 -3.42 6.84 -5.67
N ILE A 124 -2.11 6.99 -5.51
CA ILE A 124 -1.35 7.89 -6.37
C ILE A 124 -0.72 7.11 -7.51
N THR A 125 -1.04 7.51 -8.73
CA THR A 125 -0.49 6.84 -9.90
C THR A 125 0.69 7.63 -10.47
N GLU A 126 1.73 6.91 -10.86
CA GLU A 126 2.91 7.57 -11.37
C GLU A 126 3.15 7.32 -12.84
N ALA A 127 3.84 8.28 -13.46
CA ALA A 127 4.17 8.24 -14.87
C ALA A 127 5.69 8.22 -15.12
N PHE A 128 6.19 7.04 -15.41
CA PHE A 128 7.60 6.82 -15.72
C PHE A 128 7.69 7.02 -17.23
N GLY A 129 8.55 7.92 -17.68
CA GLY A 129 8.64 8.13 -19.11
C GLY A 129 10.01 8.41 -19.68
N GLU A 130 10.04 8.58 -21.00
CA GLU A 130 11.25 8.87 -21.76
C GLU A 130 11.23 10.38 -22.03
N PHE A 131 12.37 10.96 -22.38
CA PHE A 131 12.46 12.39 -22.65
C PHE A 131 11.17 12.92 -23.28
N ARG A 132 10.71 12.25 -24.33
CA ARG A 132 9.49 12.63 -25.03
C ARG A 132 8.39 11.62 -24.74
N THR A 133 7.63 11.87 -23.68
CA THR A 133 6.56 10.95 -23.31
C THR A 133 5.17 11.57 -23.29
N GLY A 134 4.18 10.75 -23.61
CA GLY A 134 2.80 11.20 -23.66
C GLY A 134 2.15 11.47 -22.33
N LYS A 135 2.93 11.35 -21.25
CA LYS A 135 2.34 11.61 -19.96
C LYS A 135 1.73 13.00 -19.94
N THR A 136 2.50 14.00 -20.31
CA THR A 136 1.98 15.36 -20.32
C THR A 136 0.82 15.45 -21.29
N GLN A 137 0.66 14.42 -22.11
CA GLN A 137 -0.43 14.35 -23.08
C GLN A 137 -1.65 13.75 -22.40
N LEU A 138 -1.41 12.62 -21.75
CA LEU A 138 -2.44 11.87 -21.03
C LEU A 138 -3.10 12.79 -20.01
N SER A 139 -2.27 13.51 -19.26
CA SER A 139 -2.76 14.44 -18.25
C SER A 139 -3.93 15.22 -18.84
N HIS A 140 -3.72 15.84 -20.00
CA HIS A 140 -4.80 16.59 -20.60
C HIS A 140 -5.98 15.64 -20.82
N THR A 141 -5.75 14.53 -21.52
CA THR A 141 -6.83 13.56 -21.74
C THR A 141 -7.64 13.44 -20.46
N LEU A 142 -7.02 12.90 -19.42
CA LEU A 142 -7.67 12.72 -18.13
C LEU A 142 -8.36 13.98 -17.63
N CYS A 143 -7.90 15.14 -18.09
CA CYS A 143 -8.53 16.37 -17.66
C CYS A 143 -9.97 16.28 -18.09
N VAL A 144 -10.23 15.45 -19.09
CA VAL A 144 -11.59 15.27 -19.56
C VAL A 144 -12.21 13.88 -19.36
N THR A 145 -11.45 12.81 -19.53
CA THR A 145 -12.06 11.50 -19.30
C THR A 145 -12.73 11.59 -17.94
N ALA A 146 -12.04 12.27 -17.03
CA ALA A 146 -12.49 12.48 -15.67
C ALA A 146 -13.69 13.41 -15.49
N GLN A 147 -14.33 13.77 -16.59
CA GLN A 147 -15.51 14.64 -16.51
C GLN A 147 -16.66 13.85 -17.15
N LEU A 148 -16.32 12.75 -17.83
CA LEU A 148 -17.32 11.91 -18.50
C LEU A 148 -17.76 10.66 -17.72
N PRO A 149 -18.98 10.71 -17.15
CA PRO A 149 -19.51 9.59 -16.36
C PRO A 149 -19.19 8.31 -17.11
N GLY A 150 -18.80 7.29 -16.35
CA GLY A 150 -18.46 6.02 -16.96
C GLY A 150 -18.30 4.87 -15.99
N ALA A 151 -17.70 3.79 -16.51
CA ALA A 151 -17.46 2.54 -15.79
C ALA A 151 -17.75 2.49 -14.30
N GLY A 152 -18.21 1.33 -13.85
CA GLY A 152 -18.51 1.16 -12.44
C GLY A 152 -19.24 2.33 -11.81
N GLY A 153 -20.28 2.79 -12.49
CA GLY A 153 -21.07 3.90 -11.99
C GLY A 153 -20.29 5.10 -11.46
N TYR A 154 -19.34 5.57 -12.25
CA TYR A 154 -18.58 6.72 -11.85
C TYR A 154 -19.20 7.96 -12.50
N PRO A 155 -19.53 8.99 -11.68
CA PRO A 155 -20.14 10.26 -12.08
C PRO A 155 -19.29 11.11 -13.03
N GLY A 156 -18.20 11.65 -12.48
CA GLY A 156 -17.31 12.51 -13.24
C GLY A 156 -17.27 13.78 -12.41
N GLY A 157 -16.32 14.67 -12.66
CA GLY A 157 -16.28 15.88 -11.85
C GLY A 157 -15.20 16.92 -12.09
N LYS A 158 -15.11 17.83 -11.13
CA LYS A 158 -14.15 18.94 -11.14
C LYS A 158 -12.75 18.39 -10.85
N ILE A 159 -11.73 18.89 -11.56
CA ILE A 159 -10.36 18.40 -11.38
C ILE A 159 -9.40 19.50 -10.93
N ILE A 160 -8.19 19.11 -10.49
CA ILE A 160 -7.14 20.08 -10.09
C ILE A 160 -5.82 19.70 -10.79
N PHE A 161 -5.36 20.57 -11.68
CA PHE A 161 -4.14 20.33 -12.45
C PHE A 161 -2.96 21.16 -12.04
N ILE A 162 -2.27 20.82 -10.94
CA ILE A 162 -1.12 21.63 -10.54
C ILE A 162 0.07 21.39 -11.47
N ASP A 163 0.41 22.39 -12.27
CA ASP A 163 1.49 22.26 -13.25
C ASP A 163 2.81 22.89 -12.85
N THR A 164 3.86 22.08 -12.82
CA THR A 164 5.19 22.57 -12.45
C THR A 164 5.95 22.96 -13.70
N GLU A 165 5.95 22.03 -14.65
CA GLU A 165 6.62 22.17 -15.94
C GLU A 165 6.16 23.37 -16.81
N ASN A 166 4.84 23.57 -16.87
CA ASN A 166 4.22 24.65 -17.65
C ASN A 166 3.81 24.18 -19.03
N THR A 167 3.29 22.97 -19.12
CA THR A 167 2.88 22.40 -20.40
C THR A 167 1.34 22.35 -20.56
N PHE A 168 0.66 22.99 -19.62
CA PHE A 168 -0.79 23.01 -19.67
C PHE A 168 -1.34 23.75 -20.89
N ARG A 169 -2.20 23.07 -21.63
CA ARG A 169 -2.73 23.69 -22.84
C ARG A 169 -4.24 23.63 -23.03
N PRO A 170 -4.98 24.57 -22.40
CA PRO A 170 -6.43 24.57 -22.54
C PRO A 170 -6.85 24.25 -23.97
N ASP A 171 -6.05 24.73 -24.92
CA ASP A 171 -6.32 24.45 -26.32
C ASP A 171 -6.39 22.95 -26.56
N ARG A 172 -5.47 22.20 -25.96
CA ARG A 172 -5.47 20.76 -26.13
C ARG A 172 -6.73 20.17 -25.50
N LEU A 173 -7.23 20.86 -24.48
CA LEU A 173 -8.44 20.42 -23.78
C LEU A 173 -9.65 20.55 -24.70
N ARG A 174 -9.99 21.80 -25.04
CA ARG A 174 -11.12 22.08 -25.93
C ARG A 174 -11.08 21.19 -27.17
N ASP A 175 -9.92 20.58 -27.41
CA ASP A 175 -9.74 19.71 -28.56
C ASP A 175 -10.19 18.30 -28.19
N ILE A 176 -9.93 17.89 -26.95
CA ILE A 176 -10.32 16.56 -26.51
C ILE A 176 -11.81 16.44 -26.24
N ALA A 177 -12.38 17.49 -25.65
CA ALA A 177 -13.81 17.51 -25.35
C ALA A 177 -14.62 17.15 -26.58
N ASP A 178 -14.00 17.22 -27.76
CA ASP A 178 -14.68 16.90 -28.99
C ASP A 178 -14.80 15.39 -29.19
N ARG A 179 -13.70 14.67 -28.99
CA ARG A 179 -13.72 13.23 -29.17
C ARG A 179 -14.84 12.62 -28.31
N PHE A 180 -15.20 13.32 -27.25
CA PHE A 180 -16.24 12.87 -26.34
C PHE A 180 -17.49 13.72 -26.50
N ASN A 181 -17.59 14.45 -27.60
CA ASN A 181 -18.75 15.30 -27.83
C ASN A 181 -19.24 15.97 -26.54
N VAL A 182 -18.54 17.03 -26.12
CA VAL A 182 -18.88 17.78 -24.91
C VAL A 182 -18.65 19.31 -25.00
N ASP A 183 -19.52 20.09 -24.35
CA ASP A 183 -19.42 21.56 -24.34
C ASP A 183 -18.00 22.00 -23.97
N HIS A 184 -17.37 22.82 -24.81
CA HIS A 184 -16.02 23.28 -24.52
C HIS A 184 -15.93 24.11 -23.26
N ASP A 185 -16.51 25.32 -23.27
CA ASP A 185 -16.48 26.19 -22.08
C ASP A 185 -16.72 25.38 -20.80
N ALA A 186 -17.47 24.30 -20.92
CA ALA A 186 -17.75 23.47 -19.77
C ALA A 186 -16.47 22.74 -19.32
N VAL A 187 -15.89 21.97 -20.23
CA VAL A 187 -14.68 21.20 -19.94
C VAL A 187 -13.69 22.10 -19.23
N LEU A 188 -13.46 23.27 -19.79
CA LEU A 188 -12.55 24.22 -19.18
C LEU A 188 -13.11 24.68 -17.85
N ASP A 189 -14.34 25.18 -17.86
CA ASP A 189 -15.01 25.65 -16.64
C ASP A 189 -14.90 24.54 -15.59
N ASN A 190 -14.59 23.35 -16.10
CA ASN A 190 -14.50 22.11 -15.33
C ASN A 190 -13.17 21.69 -14.67
N VAL A 191 -12.09 22.41 -14.93
CA VAL A 191 -10.78 22.07 -14.36
C VAL A 191 -10.25 23.22 -13.51
N LEU A 192 -9.43 22.91 -12.52
CA LEU A 192 -8.89 24.00 -11.72
C LEU A 192 -7.36 24.06 -11.88
N TYR A 193 -6.90 25.09 -12.58
CA TYR A 193 -5.48 25.29 -12.86
C TYR A 193 -4.65 25.97 -11.78
N ALA A 194 -3.43 25.48 -11.60
CA ALA A 194 -2.47 25.96 -10.61
C ALA A 194 -0.99 25.65 -10.96
N ARG A 195 -0.23 26.68 -11.32
CA ARG A 195 1.17 26.53 -11.69
C ARG A 195 2.10 26.56 -10.50
N ALA A 196 2.95 25.54 -10.42
CA ALA A 196 3.91 25.40 -9.34
C ALA A 196 5.20 26.07 -9.79
N TYR A 197 5.83 26.83 -8.89
CA TYR A 197 7.08 27.50 -9.21
C TYR A 197 8.19 27.05 -8.30
N THR A 198 7.91 27.01 -6.99
CA THR A 198 8.91 26.61 -6.01
C THR A 198 8.55 25.35 -5.23
N SER A 199 9.58 24.59 -4.87
CA SER A 199 9.39 23.37 -4.10
C SER A 199 8.56 23.66 -2.88
N GLU A 200 8.48 24.93 -2.54
CA GLU A 200 7.70 25.35 -1.39
C GLU A 200 6.34 25.73 -1.94
N HIS A 201 6.33 26.54 -2.98
CA HIS A 201 5.09 26.94 -3.61
C HIS A 201 4.29 25.67 -3.84
N GLN A 202 4.95 24.63 -4.35
CA GLN A 202 4.25 23.38 -4.63
C GLN A 202 3.40 22.94 -3.46
N VAL A 203 4.04 22.61 -2.34
CA VAL A 203 3.26 22.18 -1.18
C VAL A 203 2.36 23.30 -0.65
N GLU A 204 2.74 24.56 -0.89
CA GLU A 204 1.88 25.63 -0.46
C GLU A 204 0.53 25.28 -1.07
N LEU A 205 0.58 24.80 -2.31
CA LEU A 205 -0.62 24.42 -3.04
C LEU A 205 -1.23 23.13 -2.49
N LEU A 206 -0.40 22.11 -2.31
CA LEU A 206 -0.91 20.85 -1.79
C LEU A 206 -1.73 21.08 -0.53
N ASP A 207 -1.13 21.72 0.46
CA ASP A 207 -1.83 21.98 1.71
C ASP A 207 -3.08 22.84 1.51
N TYR A 208 -3.16 23.49 0.35
CA TYR A 208 -4.34 24.30 0.04
C TYR A 208 -5.37 23.35 -0.54
N VAL A 209 -4.98 22.61 -1.57
CA VAL A 209 -5.89 21.68 -2.22
C VAL A 209 -6.75 21.00 -1.18
N ALA A 210 -6.13 20.51 -0.11
CA ALA A 210 -6.87 19.85 0.93
C ALA A 210 -8.06 20.74 1.29
N ALA A 211 -7.76 21.97 1.69
CA ALA A 211 -8.79 22.94 2.06
C ALA A 211 -9.97 22.96 1.08
N LYS A 212 -9.70 23.04 -0.21
CA LYS A 212 -10.78 23.08 -1.18
C LYS A 212 -11.47 21.71 -1.24
N PHE A 213 -10.78 20.69 -0.76
CA PHE A 213 -11.35 19.35 -0.74
C PHE A 213 -12.17 19.16 0.52
N HIS A 214 -11.72 19.81 1.60
CA HIS A 214 -12.39 19.73 2.89
C HIS A 214 -13.69 20.52 2.90
N GLU A 215 -13.67 21.66 2.23
CA GLU A 215 -14.86 22.49 2.14
C GLU A 215 -15.96 21.58 1.62
N GLU A 216 -15.95 21.36 0.32
CA GLU A 216 -16.93 20.48 -0.31
C GLU A 216 -16.21 19.33 -1.01
N ALA A 217 -16.64 18.10 -0.74
CA ALA A 217 -16.05 16.92 -1.35
C ALA A 217 -17.00 16.34 -2.40
N GLY A 218 -16.63 15.20 -2.95
CA GLY A 218 -17.45 14.53 -3.94
C GLY A 218 -17.62 15.29 -5.25
N ILE A 219 -17.00 16.45 -5.35
CA ILE A 219 -17.10 17.27 -6.54
C ILE A 219 -15.81 17.10 -7.32
N PHE A 220 -14.72 16.99 -6.57
CA PHE A 220 -13.38 16.84 -7.10
C PHE A 220 -12.99 15.39 -7.11
N LYS A 221 -12.80 14.81 -8.29
CA LYS A 221 -12.46 13.40 -8.39
C LYS A 221 -11.01 13.11 -8.76
N LEU A 222 -10.25 14.13 -9.20
CA LEU A 222 -8.86 13.92 -9.59
C LEU A 222 -7.95 15.08 -9.28
N LEU A 223 -6.85 14.78 -8.59
CA LEU A 223 -5.84 15.79 -8.27
C LEU A 223 -4.62 15.36 -9.09
N ILE A 224 -4.43 16.03 -10.21
CA ILE A 224 -3.35 15.75 -11.15
C ILE A 224 -2.20 16.72 -11.02
N ILE A 225 -1.05 16.19 -10.60
CA ILE A 225 0.17 16.95 -10.43
C ILE A 225 1.25 16.41 -11.33
N ASP A 226 1.66 17.23 -12.29
CA ASP A 226 2.69 16.87 -13.25
C ASP A 226 3.58 18.08 -13.51
N SER A 227 4.85 17.95 -13.15
CA SER A 227 5.35 16.73 -12.50
C SER A 227 5.73 17.12 -11.08
N ILE A 228 5.68 16.16 -10.17
CA ILE A 228 5.98 16.47 -8.79
C ILE A 228 7.45 16.67 -8.49
N MET A 229 8.22 15.59 -8.55
CA MET A 229 9.66 15.65 -8.30
C MET A 229 10.22 16.86 -8.99
N ALA A 230 10.63 16.63 -10.25
CA ALA A 230 11.21 17.65 -11.12
C ALA A 230 11.47 19.03 -10.49
N LEU A 231 10.44 19.67 -9.94
CA LEU A 231 10.63 20.97 -9.32
C LEU A 231 11.42 20.83 -8.04
N PHE A 232 11.43 19.63 -7.48
CA PHE A 232 12.18 19.42 -6.26
C PHE A 232 13.63 19.19 -6.61
N ARG A 233 13.90 18.62 -7.77
CA ARG A 233 15.27 18.40 -8.16
C ARG A 233 15.94 19.74 -8.39
N VAL A 234 15.19 20.82 -8.14
CA VAL A 234 15.70 22.17 -8.34
C VAL A 234 16.17 22.88 -7.08
N ASP A 235 15.24 23.23 -6.19
CA ASP A 235 15.60 23.92 -4.97
C ASP A 235 16.43 23.09 -4.00
N PHE A 236 17.21 22.16 -4.53
CA PHE A 236 18.05 21.35 -3.67
C PHE A 236 19.31 22.15 -3.40
N SER A 237 20.20 21.64 -2.56
CA SER A 237 21.45 22.32 -2.27
C SER A 237 22.61 21.40 -2.65
N GLY A 238 22.67 21.07 -3.93
CA GLY A 238 23.71 20.19 -4.44
C GLY A 238 23.51 18.75 -4.02
N ARG A 239 24.38 17.85 -4.48
CA ARG A 239 24.30 16.44 -4.12
C ARG A 239 24.66 16.26 -2.65
N GLY A 240 24.77 17.37 -1.94
CA GLY A 240 25.12 17.33 -0.53
C GLY A 240 23.95 17.57 0.40
N GLU A 241 22.95 18.33 -0.06
CA GLU A 241 21.80 18.61 0.78
C GLU A 241 20.55 17.78 0.44
N LEU A 242 20.74 16.62 -0.18
CA LEU A 242 19.62 15.74 -0.49
C LEU A 242 18.88 15.47 0.81
N ALA A 243 19.60 15.67 1.91
CA ALA A 243 19.06 15.45 3.26
C ALA A 243 17.86 16.34 3.53
N GLU A 244 17.72 17.39 2.72
CA GLU A 244 16.59 18.25 2.88
C GLU A 244 15.54 17.88 1.85
N ARG A 245 16.05 17.46 0.68
CA ARG A 245 15.19 17.05 -0.44
C ARG A 245 14.41 15.80 -0.06
N GLN A 246 15.12 14.71 0.22
CA GLN A 246 14.47 13.47 0.61
C GLN A 246 13.47 13.74 1.74
N GLN A 247 13.92 14.44 2.78
CA GLN A 247 13.09 14.75 3.93
C GLN A 247 11.90 15.64 3.56
N LYS A 248 12.15 16.73 2.85
CA LYS A 248 11.09 17.66 2.44
C LYS A 248 10.08 17.03 1.48
N LEU A 249 10.61 16.30 0.51
CA LEU A 249 9.82 15.61 -0.50
C LEU A 249 8.74 14.76 0.14
N ALA A 250 9.18 13.77 0.92
CA ALA A 250 8.27 12.84 1.62
C ALA A 250 7.44 13.52 2.68
N GLN A 251 7.79 14.75 3.01
CA GLN A 251 7.06 15.52 4.02
C GLN A 251 5.66 15.86 3.49
N MET A 252 5.56 16.00 2.17
CA MET A 252 4.28 16.30 1.53
C MET A 252 3.83 15.11 0.69
N LEU A 253 4.79 14.41 0.06
CA LEU A 253 4.43 13.26 -0.75
C LEU A 253 3.63 12.34 0.18
N SER A 254 3.82 12.51 1.48
CA SER A 254 3.07 11.73 2.47
C SER A 254 1.72 12.43 2.59
N ARG A 255 1.78 13.73 2.83
CA ARG A 255 0.58 14.56 2.92
C ARG A 255 -0.28 14.35 1.68
N LEU A 256 0.34 13.88 0.60
CA LEU A 256 -0.35 13.63 -0.66
C LEU A 256 -1.12 12.32 -0.57
N GLN A 257 -0.65 11.40 0.27
CA GLN A 257 -1.36 10.14 0.42
C GLN A 257 -2.64 10.42 1.21
N LYS A 258 -2.48 11.10 2.34
CA LYS A 258 -3.60 11.46 3.22
C LYS A 258 -4.70 12.23 2.52
N ILE A 259 -4.42 12.71 1.32
CA ILE A 259 -5.44 13.44 0.58
C ILE A 259 -6.19 12.36 -0.15
N SER A 260 -5.43 11.60 -0.96
CA SER A 260 -5.91 10.51 -1.80
C SER A 260 -6.90 9.50 -1.22
N GLU A 261 -6.52 8.87 -0.11
CA GLU A 261 -7.39 7.90 0.52
C GLU A 261 -8.38 8.52 1.50
N GLU A 262 -8.00 9.63 2.15
CA GLU A 262 -8.90 10.26 3.09
C GLU A 262 -10.05 11.02 2.43
N TYR A 263 -9.76 11.80 1.40
CA TYR A 263 -10.81 12.56 0.71
C TYR A 263 -11.39 11.83 -0.50
N ASN A 264 -10.79 10.67 -0.79
CA ASN A 264 -11.24 9.84 -1.90
C ASN A 264 -11.22 10.62 -3.22
N VAL A 265 -10.12 10.49 -3.95
CA VAL A 265 -9.96 11.13 -5.26
C VAL A 265 -8.97 10.32 -6.08
N ALA A 266 -8.44 10.90 -7.13
CA ALA A 266 -7.47 10.21 -7.98
C ALA A 266 -6.31 11.15 -8.25
N VAL A 267 -5.12 10.77 -7.80
CA VAL A 267 -3.94 11.60 -7.99
C VAL A 267 -2.97 11.01 -8.99
N PHE A 268 -2.90 11.64 -10.16
CA PHE A 268 -2.02 11.23 -11.26
C PHE A 268 -0.77 12.09 -11.18
N VAL A 269 0.40 11.46 -11.20
CA VAL A 269 1.64 12.22 -11.12
C VAL A 269 2.70 11.69 -12.07
N THR A 270 3.46 12.63 -12.64
CA THR A 270 4.50 12.33 -13.60
C THR A 270 5.86 12.70 -13.04
N ASN A 271 6.89 12.10 -13.61
CA ASN A 271 8.30 12.35 -13.27
C ASN A 271 9.24 11.38 -13.97
N GLN A 272 10.55 11.54 -13.73
CA GLN A 272 11.56 10.72 -14.41
C GLN A 272 12.72 10.14 -13.58
N MET A 273 12.39 9.43 -12.49
CA MET A 273 13.39 8.79 -11.62
C MET A 273 13.26 7.26 -11.67
N GLY A 293 13.92 0.78 -3.71
CA GLY A 293 13.08 1.45 -2.68
C GLY A 293 13.30 2.95 -2.64
N HIS A 294 12.90 3.63 -3.70
CA HIS A 294 13.03 5.08 -3.82
C HIS A 294 11.81 5.75 -3.18
N ILE A 295 12.04 6.58 -2.16
CA ILE A 295 10.96 7.28 -1.45
C ILE A 295 9.68 7.47 -2.26
N LEU A 296 9.82 7.99 -3.48
CA LEU A 296 8.66 8.20 -4.33
C LEU A 296 8.29 6.87 -5.01
N ALA A 297 8.26 5.79 -4.23
CA ALA A 297 7.92 4.49 -4.78
C ALA A 297 6.81 3.93 -3.95
N HIS A 298 7.12 3.58 -2.71
CA HIS A 298 6.10 3.04 -1.82
C HIS A 298 5.06 4.15 -1.73
N ALA A 299 5.51 5.38 -1.93
CA ALA A 299 4.63 6.55 -1.89
C ALA A 299 3.47 6.43 -2.90
N SER A 300 3.85 6.27 -4.17
CA SER A 300 2.88 6.13 -5.26
C SER A 300 2.50 4.65 -5.29
N THR A 301 1.21 4.38 -5.06
CA THR A 301 0.73 3.00 -5.02
C THR A 301 0.73 2.25 -6.36
N THR A 302 0.66 2.99 -7.46
CA THR A 302 0.68 2.38 -8.79
C THR A 302 1.70 3.08 -9.65
N ARG A 303 2.62 2.32 -10.22
CA ARG A 303 3.66 2.93 -11.04
C ARG A 303 3.62 2.43 -12.47
N ILE A 304 3.31 3.32 -13.40
CA ILE A 304 3.26 2.95 -14.80
C ILE A 304 4.50 3.45 -15.51
N SER A 305 5.10 2.59 -16.32
CA SER A 305 6.30 2.93 -17.07
C SER A 305 5.92 3.04 -18.54
N LEU A 306 6.49 4.03 -19.24
CA LEU A 306 6.17 4.26 -20.64
C LEU A 306 7.32 4.24 -21.64
N ARG A 307 7.12 3.53 -22.74
CA ARG A 307 8.11 3.41 -23.80
C ARG A 307 7.39 3.64 -25.14
N LYS A 308 8.08 4.22 -26.11
CA LYS A 308 7.48 4.50 -27.42
C LYS A 308 7.55 3.31 -28.38
N GLY A 309 6.49 3.13 -29.16
CA GLY A 309 6.45 2.03 -30.11
C GLY A 309 6.43 2.49 -31.56
N ARG A 310 7.18 3.56 -31.84
CA ARG A 310 7.30 4.16 -33.19
C ARG A 310 6.28 5.25 -33.50
N GLY A 311 6.53 6.44 -32.95
CA GLY A 311 5.67 7.58 -33.18
C GLY A 311 4.22 7.47 -32.73
N GLU A 312 3.39 6.84 -33.55
CA GLU A 312 1.97 6.68 -33.25
C GLU A 312 1.67 6.03 -31.90
N LEU A 313 2.03 4.76 -31.75
CA LEU A 313 1.76 4.02 -30.53
C LEU A 313 2.77 4.23 -29.41
N ARG A 314 2.47 3.65 -28.26
CA ARG A 314 3.30 3.71 -27.07
C ARG A 314 2.96 2.49 -26.23
N ILE A 315 3.95 1.96 -25.51
CA ILE A 315 3.73 0.78 -24.66
C ILE A 315 3.85 1.12 -23.18
N ALA A 316 2.75 0.94 -22.46
CA ALA A 316 2.71 1.24 -21.04
C ALA A 316 2.81 -0.03 -20.20
N LYS A 317 3.87 -0.15 -19.42
CA LYS A 317 4.07 -1.32 -18.57
C LYS A 317 3.99 -0.90 -17.12
N ILE A 318 3.98 -1.87 -16.23
CA ILE A 318 3.92 -1.58 -14.81
C ILE A 318 5.25 -1.85 -14.14
N TYR A 319 5.74 -0.88 -13.40
CA TYR A 319 7.01 -1.03 -12.72
C TYR A 319 6.72 -1.77 -11.43
N ASP A 320 5.63 -1.38 -10.77
CA ASP A 320 5.21 -2.00 -9.52
C ASP A 320 3.85 -1.46 -9.08
N SER A 321 2.85 -2.33 -9.09
CA SER A 321 1.49 -1.97 -8.69
C SER A 321 0.67 -3.23 -8.34
N PRO A 322 0.04 -3.25 -7.15
CA PRO A 322 -0.76 -4.40 -6.71
C PRO A 322 -1.38 -5.15 -7.88
N GLU A 323 -1.24 -6.48 -7.87
CA GLU A 323 -1.79 -7.30 -8.94
C GLU A 323 -1.28 -6.78 -10.28
N MET A 324 0.04 -6.77 -10.45
CA MET A 324 0.66 -6.28 -11.67
C MET A 324 0.86 -7.33 -12.76
N PRO A 325 0.16 -7.17 -13.89
CA PRO A 325 0.25 -8.10 -15.04
C PRO A 325 1.56 -7.98 -15.84
N GLU A 326 2.12 -9.13 -16.20
CA GLU A 326 3.37 -9.16 -16.96
C GLU A 326 3.18 -8.64 -18.38
N ASN A 327 1.98 -8.76 -18.92
CA ASN A 327 1.68 -8.30 -20.28
C ASN A 327 1.81 -6.79 -20.43
N GLU A 328 1.90 -6.34 -21.69
CA GLU A 328 2.03 -4.91 -21.98
C GLU A 328 0.77 -4.32 -22.60
N ALA A 329 0.74 -2.99 -22.66
CA ALA A 329 -0.39 -2.24 -23.21
C ALA A 329 0.02 -1.42 -24.43
N THR A 330 -0.84 -1.42 -25.44
CA THR A 330 -0.59 -0.70 -26.68
C THR A 330 -1.63 0.39 -26.90
N PHE A 331 -1.26 1.63 -26.60
CA PHE A 331 -2.18 2.74 -26.79
C PHE A 331 -1.64 3.74 -27.80
N ALA A 332 -2.56 4.50 -28.40
CA ALA A 332 -2.17 5.49 -29.39
C ALA A 332 -2.54 6.86 -28.86
N ILE A 333 -1.97 7.90 -29.47
CA ILE A 333 -2.23 9.28 -29.07
C ILE A 333 -2.61 10.15 -30.27
N THR A 334 -3.53 11.08 -30.04
CA THR A 334 -3.97 12.00 -31.09
C THR A 334 -4.41 13.29 -30.41
N ALA A 335 -4.97 14.20 -31.19
CA ALA A 335 -5.42 15.47 -30.62
C ALA A 335 -6.54 15.18 -29.62
N GLY A 336 -7.32 14.14 -29.90
CA GLY A 336 -8.43 13.76 -29.05
C GLY A 336 -8.05 12.93 -27.83
N GLY A 337 -6.87 13.23 -27.29
CA GLY A 337 -6.40 12.50 -26.12
C GLY A 337 -5.78 11.17 -26.46
N ILE A 338 -5.70 10.30 -25.46
CA ILE A 338 -5.15 8.98 -25.67
C ILE A 338 -6.27 8.08 -26.11
N GLY A 339 -5.94 7.11 -26.94
CA GLY A 339 -6.96 6.20 -27.42
C GLY A 339 -6.33 4.90 -27.85
N ASP A 340 -7.20 3.94 -28.11
CA ASP A 340 -6.78 2.61 -28.52
C ASP A 340 -6.12 2.66 -29.90
N ALA A 341 -5.10 1.83 -30.09
CA ALA A 341 -4.41 1.76 -31.37
C ALA A 341 -5.15 0.74 -32.23
N LYS A 342 -5.58 1.15 -33.42
CA LYS A 342 -6.30 0.24 -34.31
C LYS A 342 -5.38 -0.41 -35.33
N GLU A 343 -5.97 -1.18 -36.25
CA GLU A 343 -5.22 -1.89 -37.28
C GLU A 343 -4.36 -0.96 -38.15
N PRO B 86 10.56 -7.65 42.76
CA PRO B 86 11.65 -7.64 41.78
C PRO B 86 11.19 -7.27 40.37
N GLY B 87 12.08 -6.65 39.60
CA GLY B 87 11.76 -6.25 38.25
C GLY B 87 11.84 -7.38 37.23
N PHE B 88 11.58 -8.61 37.69
CA PHE B 88 11.59 -9.80 36.83
C PHE B 88 11.05 -10.98 37.64
N LEU B 89 10.42 -11.94 36.99
CA LEU B 89 9.84 -13.06 37.73
C LEU B 89 10.69 -14.31 37.80
N THR B 90 10.11 -15.34 38.44
CA THR B 90 10.75 -16.64 38.65
C THR B 90 10.50 -17.57 37.45
N ALA B 91 11.38 -18.55 37.26
CA ALA B 91 11.24 -19.49 36.17
C ALA B 91 9.90 -20.21 36.26
N PHE B 92 9.50 -20.59 37.46
CA PHE B 92 8.22 -21.26 37.59
C PHE B 92 7.15 -20.29 37.14
N GLU B 93 7.04 -19.18 37.85
CA GLU B 93 6.05 -18.16 37.51
C GLU B 93 6.04 -17.84 36.00
N TYR B 94 7.22 -17.86 35.39
CA TYR B 94 7.34 -17.61 33.96
C TYR B 94 6.65 -18.76 33.24
N SER B 95 7.03 -20.00 33.59
CA SER B 95 6.38 -21.14 32.93
C SER B 95 4.88 -20.96 33.02
N GLU B 96 4.42 -20.29 34.06
CA GLU B 96 3.00 -20.05 34.23
C GLU B 96 2.44 -19.34 33.00
N LYS B 97 3.10 -18.25 32.63
CA LYS B 97 2.69 -17.48 31.48
C LYS B 97 2.74 -18.28 30.20
N ARG B 98 3.85 -18.96 29.93
CA ARG B 98 3.98 -19.74 28.69
C ARG B 98 2.94 -20.83 28.42
N LYS B 99 2.20 -21.26 29.43
CA LYS B 99 1.21 -22.28 29.17
C LYS B 99 0.18 -21.68 28.23
N MET B 100 0.24 -20.36 28.06
CA MET B 100 -0.71 -19.64 27.20
C MET B 100 -0.23 -19.50 25.75
N VAL B 101 1.05 -19.77 25.53
CA VAL B 101 1.60 -19.66 24.18
C VAL B 101 0.81 -20.52 23.21
N PHE B 102 0.08 -19.86 22.33
CA PHE B 102 -0.76 -20.53 21.32
C PHE B 102 -0.31 -20.23 19.90
N HIS B 103 -0.46 -21.22 19.04
CA HIS B 103 -0.10 -21.06 17.64
C HIS B 103 -1.31 -20.71 16.79
N ILE B 104 -1.09 -19.89 15.77
CA ILE B 104 -2.17 -19.52 14.88
C ILE B 104 -1.82 -20.06 13.51
N THR B 105 -2.60 -21.03 13.05
CA THR B 105 -2.39 -21.69 11.76
C THR B 105 -1.97 -20.79 10.61
N THR B 106 -1.24 -21.39 9.68
CA THR B 106 -0.80 -20.67 8.51
C THR B 106 -1.82 -21.03 7.44
N GLY B 107 -2.48 -22.18 7.61
CA GLY B 107 -3.46 -22.63 6.66
C GLY B 107 -2.87 -23.80 5.88
N SER B 108 -1.53 -23.82 5.82
CA SER B 108 -0.79 -24.87 5.13
C SER B 108 -0.14 -25.75 6.19
N GLN B 109 -0.71 -26.92 6.42
CA GLN B 109 -0.17 -27.83 7.41
C GLN B 109 1.35 -27.97 7.34
N GLU B 110 1.91 -28.21 6.15
CA GLU B 110 3.36 -28.36 6.10
C GLU B 110 4.09 -27.07 6.43
N PHE B 111 3.33 -25.98 6.52
CA PHE B 111 3.91 -24.69 6.88
C PHE B 111 3.80 -24.61 8.39
N ASP B 112 2.63 -24.97 8.92
CA ASP B 112 2.42 -24.95 10.36
C ASP B 112 3.47 -25.80 11.06
N LYS B 113 3.90 -26.89 10.42
CA LYS B 113 4.90 -27.75 11.02
C LYS B 113 6.22 -27.02 11.18
N LEU B 114 6.59 -26.19 10.21
CA LEU B 114 7.84 -25.45 10.32
C LEU B 114 7.79 -24.59 11.56
N LEU B 115 6.58 -24.10 11.87
CA LEU B 115 6.36 -23.26 13.04
C LEU B 115 5.71 -24.08 14.15
N GLY B 116 5.71 -25.40 13.94
CA GLY B 116 5.14 -26.32 14.90
C GLY B 116 3.79 -25.81 15.37
N GLY B 117 2.91 -25.53 14.41
CA GLY B 117 1.59 -25.02 14.72
C GLY B 117 1.33 -23.68 14.06
N GLY B 118 2.30 -23.22 13.26
CA GLY B 118 2.15 -21.95 12.56
C GLY B 118 2.66 -20.76 13.35
N ILE B 119 2.09 -19.58 13.10
CA ILE B 119 2.51 -18.37 13.81
C ILE B 119 2.37 -18.62 15.31
N GLU B 120 3.39 -18.23 16.07
CA GLU B 120 3.45 -18.42 17.52
C GLU B 120 3.27 -17.16 18.36
N SER B 121 2.61 -17.27 19.52
CA SER B 121 2.36 -16.13 20.40
C SER B 121 3.58 -15.65 21.22
N MET B 122 3.52 -14.40 21.69
CA MET B 122 4.60 -13.78 22.46
C MET B 122 5.93 -13.78 21.70
N ALA B 123 5.86 -13.56 20.38
CA ALA B 123 7.03 -13.58 19.53
C ALA B 123 6.84 -12.89 18.17
N ILE B 124 7.78 -12.01 17.83
CA ILE B 124 7.69 -11.33 16.57
C ILE B 124 8.20 -12.24 15.46
N THR B 125 7.31 -12.59 14.53
CA THR B 125 7.67 -13.41 13.38
C THR B 125 7.78 -12.51 12.15
N GLU B 126 8.70 -12.84 11.25
CA GLU B 126 8.94 -12.01 10.07
C GLU B 126 8.69 -12.69 8.73
N ALA B 127 8.38 -11.87 7.71
CA ALA B 127 8.14 -12.36 6.36
C ALA B 127 9.24 -11.95 5.36
N PHE B 128 10.07 -12.92 5.00
CA PHE B 128 11.18 -12.73 4.07
C PHE B 128 10.73 -13.15 2.67
N GLY B 129 10.39 -12.18 1.84
CA GLY B 129 9.92 -12.51 0.50
C GLY B 129 10.53 -11.78 -0.68
N GLU B 130 10.22 -12.27 -1.87
CA GLU B 130 10.70 -11.72 -3.13
C GLU B 130 9.80 -10.54 -3.53
N PHE B 131 10.09 -9.94 -4.68
CA PHE B 131 9.33 -8.80 -5.19
C PHE B 131 7.83 -9.14 -5.12
N ARG B 132 7.46 -10.31 -5.65
CA ARG B 132 6.08 -10.77 -5.65
C ARG B 132 5.92 -11.95 -4.69
N THR B 133 5.56 -11.67 -3.45
CA THR B 133 5.39 -12.74 -2.47
C THR B 133 4.01 -12.81 -1.81
N GLY B 134 3.62 -14.03 -1.46
CA GLY B 134 2.32 -14.28 -0.86
C GLY B 134 2.15 -13.81 0.57
N LYS B 135 3.18 -13.19 1.12
CA LYS B 135 3.08 -12.70 2.48
C LYS B 135 1.84 -11.84 2.56
N THR B 136 1.77 -10.88 1.63
CA THR B 136 0.65 -9.95 1.52
C THR B 136 -0.67 -10.70 1.66
N GLN B 137 -0.68 -11.92 1.16
CA GLN B 137 -1.86 -12.76 1.22
C GLN B 137 -1.92 -13.40 2.59
N LEU B 138 -0.81 -13.98 3.00
CA LEU B 138 -0.70 -14.64 4.28
C LEU B 138 -1.26 -13.73 5.36
N SER B 139 -0.94 -12.45 5.23
CA SER B 139 -1.38 -11.42 6.17
C SER B 139 -2.90 -11.39 6.32
N HIS B 140 -3.61 -11.51 5.21
CA HIS B 140 -5.07 -11.50 5.28
C HIS B 140 -5.50 -12.82 5.91
N THR B 141 -5.07 -13.89 5.27
CA THR B 141 -5.35 -15.23 5.73
C THR B 141 -5.48 -15.22 7.27
N LEU B 142 -4.36 -14.98 7.94
CA LEU B 142 -4.35 -14.94 9.40
C LEU B 142 -5.35 -13.97 9.98
N CYS B 143 -5.81 -13.01 9.17
CA CYS B 143 -6.80 -12.07 9.68
C CYS B 143 -8.03 -12.92 9.93
N VAL B 144 -7.98 -14.13 9.38
CA VAL B 144 -9.07 -15.11 9.53
C VAL B 144 -8.66 -16.25 10.46
N THR B 145 -7.74 -17.09 10.00
CA THR B 145 -7.25 -18.21 10.82
C THR B 145 -7.41 -17.93 12.30
N ALA B 146 -6.98 -16.74 12.71
CA ALA B 146 -7.05 -16.31 14.10
C ALA B 146 -8.45 -15.82 14.46
N GLN B 147 -9.45 -16.67 14.23
CA GLN B 147 -10.84 -16.36 14.53
C GLN B 147 -11.44 -17.75 14.55
N LEU B 148 -10.76 -18.67 13.86
CA LEU B 148 -11.17 -20.05 13.77
C LEU B 148 -10.59 -20.86 14.94
N PRO B 149 -11.44 -21.33 15.87
CA PRO B 149 -10.84 -22.10 16.95
C PRO B 149 -9.87 -23.12 16.34
N GLY B 150 -8.72 -23.29 17.00
CA GLY B 150 -7.72 -24.22 16.50
C GLY B 150 -7.04 -25.06 17.57
N ALA B 151 -6.10 -25.89 17.14
CA ALA B 151 -5.36 -26.77 18.03
C ALA B 151 -4.95 -26.04 19.31
N GLY B 152 -4.57 -26.80 20.32
CA GLY B 152 -4.17 -26.19 21.57
C GLY B 152 -5.36 -25.48 22.18
N GLY B 153 -6.55 -25.90 21.75
CA GLY B 153 -7.77 -25.32 22.27
C GLY B 153 -7.79 -23.81 22.11
N TYR B 154 -7.12 -23.33 21.08
CA TYR B 154 -7.06 -21.91 20.81
C TYR B 154 -8.43 -21.41 20.34
N PRO B 155 -9.06 -20.52 21.14
CA PRO B 155 -10.38 -19.98 20.81
C PRO B 155 -10.40 -19.32 19.42
N GLY B 156 -9.84 -18.11 19.36
CA GLY B 156 -9.80 -17.34 18.13
C GLY B 156 -10.18 -15.94 18.54
N GLY B 157 -9.52 -14.91 18.01
CA GLY B 157 -9.88 -13.57 18.43
C GLY B 157 -9.81 -12.40 17.46
N LYS B 158 -10.02 -11.20 18.01
CA LYS B 158 -9.98 -9.98 17.22
C LYS B 158 -8.59 -9.86 16.60
N ILE B 159 -8.34 -8.81 15.82
CA ILE B 159 -7.05 -8.61 15.19
C ILE B 159 -6.79 -7.14 14.89
N ILE B 160 -5.52 -6.74 14.84
CA ILE B 160 -5.17 -5.36 14.51
C ILE B 160 -4.22 -5.39 13.34
N PHE B 161 -4.69 -4.88 12.21
CA PHE B 161 -3.87 -4.87 11.02
C PHE B 161 -3.36 -3.48 10.71
N ILE B 162 -2.04 -3.28 10.79
CA ILE B 162 -1.47 -1.97 10.48
C ILE B 162 -0.79 -2.03 9.14
N ASP B 163 -1.38 -1.33 8.18
CA ASP B 163 -0.89 -1.34 6.80
C ASP B 163 -0.07 -0.13 6.45
N THR B 164 1.17 -0.38 6.04
CA THR B 164 2.08 0.67 5.63
C THR B 164 1.95 0.68 4.12
N GLU B 165 2.18 -0.50 3.55
CA GLU B 165 2.14 -0.75 2.11
C GLU B 165 0.82 -0.46 1.36
N ASN B 166 -0.26 -0.25 2.10
CA ASN B 166 -1.57 0.03 1.49
C ASN B 166 -2.07 -1.10 0.60
N THR B 167 -2.02 -2.32 1.10
CA THR B 167 -2.50 -3.43 0.29
C THR B 167 -3.57 -4.26 1.00
N PHE B 168 -4.11 -3.74 2.09
CA PHE B 168 -5.14 -4.46 2.81
C PHE B 168 -6.45 -4.41 2.03
N ARG B 169 -6.91 -5.58 1.63
CA ARG B 169 -8.14 -5.74 0.85
C ARG B 169 -9.23 -6.60 1.55
N PRO B 170 -10.11 -5.95 2.33
CA PRO B 170 -11.19 -6.66 3.03
C PRO B 170 -11.83 -7.61 2.06
N ASP B 171 -12.10 -7.11 0.86
CA ASP B 171 -12.71 -7.91 -0.19
C ASP B 171 -12.04 -9.27 -0.28
N ARG B 172 -10.78 -9.34 0.09
CA ARG B 172 -10.07 -10.61 0.04
C ARG B 172 -10.47 -11.51 1.21
N LEU B 173 -10.77 -10.89 2.35
CA LEU B 173 -11.17 -11.60 3.57
C LEU B 173 -12.49 -12.33 3.40
N ARG B 174 -13.53 -11.60 3.03
CA ARG B 174 -14.86 -12.18 2.83
C ARG B 174 -14.76 -13.32 1.85
N ASP B 175 -13.66 -13.33 1.10
CA ASP B 175 -13.43 -14.35 0.10
C ASP B 175 -12.92 -15.66 0.72
N ILE B 176 -12.11 -15.54 1.77
CA ILE B 176 -11.54 -16.71 2.45
C ILE B 176 -12.44 -17.34 3.51
N ALA B 177 -13.11 -16.50 4.30
CA ALA B 177 -14.01 -16.98 5.35
C ALA B 177 -14.84 -18.14 4.83
N ASP B 178 -15.06 -18.15 3.52
CA ASP B 178 -15.82 -19.22 2.88
C ASP B 178 -15.11 -20.55 3.06
N ARG B 179 -13.85 -20.62 2.61
CA ARG B 179 -13.08 -21.86 2.74
C ARG B 179 -13.10 -22.32 4.19
N PHE B 180 -13.58 -21.44 5.08
CA PHE B 180 -13.67 -21.74 6.51
C PHE B 180 -15.10 -21.61 6.98
N ASN B 181 -16.01 -21.50 6.02
CA ASN B 181 -17.43 -21.39 6.30
C ASN B 181 -17.72 -20.44 7.45
N VAL B 182 -17.40 -19.15 7.25
CA VAL B 182 -17.61 -18.15 8.28
C VAL B 182 -18.39 -16.92 7.80
N ASP B 183 -19.14 -16.33 8.73
CA ASP B 183 -19.92 -15.13 8.48
C ASP B 183 -18.96 -14.07 7.92
N HIS B 184 -19.36 -13.42 6.83
CA HIS B 184 -18.54 -12.39 6.21
C HIS B 184 -18.48 -11.16 7.09
N ASP B 185 -19.62 -10.53 7.31
CA ASP B 185 -19.72 -9.33 8.18
C ASP B 185 -18.98 -9.56 9.51
N ALA B 186 -19.02 -10.81 9.99
CA ALA B 186 -18.36 -11.18 11.23
C ALA B 186 -16.86 -10.95 11.07
N VAL B 187 -16.22 -11.83 10.30
CA VAL B 187 -14.78 -11.75 10.05
C VAL B 187 -14.31 -10.29 9.94
N LEU B 188 -14.98 -9.54 9.08
CA LEU B 188 -14.64 -8.14 8.86
C LEU B 188 -14.90 -7.25 10.08
N ASP B 189 -15.55 -7.79 11.09
CA ASP B 189 -15.82 -7.03 12.32
C ASP B 189 -14.77 -7.55 13.29
N ASN B 190 -14.15 -8.64 12.85
CA ASN B 190 -13.12 -9.34 13.59
C ASN B 190 -11.74 -8.76 13.32
N VAL B 191 -11.71 -7.67 12.56
CA VAL B 191 -10.44 -7.05 12.22
C VAL B 191 -10.43 -5.54 12.42
N LEU B 192 -9.29 -5.05 12.89
CA LEU B 192 -9.11 -3.61 13.14
C LEU B 192 -8.07 -3.06 12.17
N TYR B 193 -8.49 -2.19 11.26
CA TYR B 193 -7.59 -1.63 10.27
C TYR B 193 -7.06 -0.25 10.62
N ALA B 194 -5.85 0.02 10.14
CA ALA B 194 -5.17 1.28 10.39
C ALA B 194 -3.95 1.49 9.48
N ARG B 195 -4.04 2.45 8.57
CA ARG B 195 -2.96 2.73 7.65
C ARG B 195 -1.87 3.59 8.28
N ALA B 196 -0.63 3.19 8.03
CA ALA B 196 0.55 3.88 8.53
C ALA B 196 1.14 4.72 7.43
N TYR B 197 1.38 5.99 7.70
CA TYR B 197 1.92 6.89 6.70
C TYR B 197 3.39 7.26 6.88
N THR B 198 3.75 7.74 8.07
CA THR B 198 5.12 8.12 8.38
C THR B 198 5.80 7.16 9.37
N SER B 199 7.13 7.11 9.37
CA SER B 199 7.83 6.22 10.28
C SER B 199 7.52 6.61 11.72
N GLU B 200 6.82 7.73 11.87
CA GLU B 200 6.44 8.25 13.18
C GLU B 200 4.99 7.83 13.44
N HIS B 201 4.16 7.93 12.41
CA HIS B 201 2.77 7.55 12.50
C HIS B 201 2.75 6.06 12.88
N GLN B 202 3.59 5.27 12.20
CA GLN B 202 3.68 3.83 12.42
C GLN B 202 3.85 3.49 13.87
N VAL B 203 4.55 4.35 14.60
CA VAL B 203 4.71 4.11 16.03
C VAL B 203 3.56 4.82 16.75
N GLU B 204 3.28 6.06 16.37
CA GLU B 204 2.17 6.76 16.98
C GLU B 204 1.10 5.70 17.25
N LEU B 205 0.95 4.79 16.29
CA LEU B 205 -0.01 3.70 16.37
C LEU B 205 0.40 2.67 17.41
N LEU B 206 1.48 1.96 17.14
CA LEU B 206 1.95 0.95 18.07
C LEU B 206 1.79 1.37 19.52
N ASP B 207 2.14 2.62 19.83
CA ASP B 207 2.05 3.13 21.19
C ASP B 207 0.58 3.25 21.63
N TYR B 208 -0.31 2.93 20.71
CA TYR B 208 -1.75 2.99 20.95
C TYR B 208 -2.27 1.56 20.93
N VAL B 209 -1.64 0.73 20.09
CA VAL B 209 -2.04 -0.67 19.99
C VAL B 209 -1.95 -1.25 21.40
N ALA B 210 -0.94 -0.81 22.14
CA ALA B 210 -0.74 -1.26 23.50
C ALA B 210 -1.96 -0.92 24.34
N ALA B 211 -2.32 0.37 24.36
CA ALA B 211 -3.47 0.83 25.13
C ALA B 211 -4.71 -0.04 24.91
N LYS B 212 -5.23 -0.06 23.68
CA LYS B 212 -6.41 -0.86 23.39
C LYS B 212 -6.21 -2.25 23.96
N PHE B 213 -4.98 -2.74 23.89
CA PHE B 213 -4.67 -4.05 24.44
C PHE B 213 -4.77 -4.01 25.97
N HIS B 214 -4.19 -2.99 26.57
CA HIS B 214 -4.21 -2.83 28.02
C HIS B 214 -5.64 -2.64 28.54
N GLU B 215 -6.39 -1.76 27.90
CA GLU B 215 -7.78 -1.47 28.27
C GLU B 215 -8.52 -2.75 28.63
N GLU B 216 -8.52 -3.71 27.71
CA GLU B 216 -9.16 -4.99 27.91
C GLU B 216 -8.26 -6.05 27.29
N ALA B 217 -8.12 -7.19 27.94
CA ALA B 217 -7.25 -8.25 27.44
C ALA B 217 -7.96 -9.51 26.95
N GLY B 218 -7.16 -10.48 26.48
CA GLY B 218 -7.68 -11.75 26.00
C GLY B 218 -8.60 -11.68 24.80
N ILE B 219 -8.84 -10.46 24.31
CA ILE B 219 -9.72 -10.24 23.17
C ILE B 219 -8.97 -10.23 21.85
N PHE B 220 -7.86 -9.52 21.84
CA PHE B 220 -7.03 -9.40 20.66
C PHE B 220 -5.96 -10.47 20.70
N LYS B 221 -6.00 -11.37 19.74
CA LYS B 221 -5.04 -12.48 19.69
C LYS B 221 -3.91 -12.31 18.65
N LEU B 222 -3.90 -11.19 17.93
CA LEU B 222 -2.87 -10.95 16.92
C LEU B 222 -2.70 -9.47 16.56
N LEU B 223 -1.46 -9.08 16.33
CA LEU B 223 -1.13 -7.73 15.92
C LEU B 223 -0.19 -7.91 14.74
N ILE B 224 -0.74 -7.75 13.56
CA ILE B 224 -0.01 -7.93 12.34
C ILE B 224 0.38 -6.59 11.72
N ILE B 225 1.68 -6.36 11.55
CA ILE B 225 2.17 -5.12 10.93
C ILE B 225 2.96 -5.45 9.66
N ASP B 226 2.38 -5.10 8.51
CA ASP B 226 3.02 -5.33 7.22
C ASP B 226 2.94 -4.11 6.33
N SER B 227 4.12 -3.61 5.95
CA SER B 227 5.38 -4.17 6.38
C SER B 227 5.94 -3.16 7.37
N ILE B 228 6.89 -3.58 8.22
CA ILE B 228 7.42 -2.66 9.22
C ILE B 228 8.58 -1.75 8.82
N MET B 229 9.64 -2.33 8.25
CA MET B 229 10.82 -1.56 7.84
C MET B 229 10.52 -0.59 6.73
N ALA B 230 10.05 -1.13 5.60
CA ALA B 230 9.71 -0.37 4.40
C ALA B 230 9.41 1.12 4.62
N LEU B 231 8.73 1.48 5.71
CA LEU B 231 8.39 2.89 5.98
C LEU B 231 9.58 3.62 6.58
N PHE B 232 10.49 2.89 7.19
CA PHE B 232 11.64 3.54 7.78
C PHE B 232 12.69 3.83 6.74
N ARG B 233 12.78 2.98 5.72
CA ARG B 233 13.75 3.22 4.68
C ARG B 233 13.46 4.62 4.16
N VAL B 234 12.18 4.99 4.19
CA VAL B 234 11.72 6.29 3.69
C VAL B 234 12.18 7.55 4.42
N ASP B 235 11.47 7.92 5.47
CA ASP B 235 11.77 9.13 6.23
C ASP B 235 13.23 9.39 6.57
N PHE B 236 14.13 8.43 6.30
CA PHE B 236 15.54 8.62 6.63
C PHE B 236 16.22 9.78 5.88
N SER B 237 17.37 10.23 6.39
CA SER B 237 18.13 11.32 5.78
C SER B 237 19.29 10.78 4.96
N GLY B 238 18.98 10.17 3.81
CA GLY B 238 20.02 9.61 2.98
C GLY B 238 20.80 8.61 3.80
N ARG B 239 21.75 7.91 3.17
CA ARG B 239 22.55 6.92 3.89
C ARG B 239 23.47 7.59 4.92
N GLY B 240 23.26 8.90 5.14
CA GLY B 240 24.09 9.63 6.08
C GLY B 240 23.49 9.88 7.45
N GLU B 241 22.23 9.53 7.62
CA GLU B 241 21.58 9.72 8.92
C GLU B 241 20.97 8.42 9.44
N LEU B 242 21.48 7.30 8.93
CA LEU B 242 21.00 6.00 9.37
C LEU B 242 21.05 5.99 10.88
N ALA B 243 22.11 6.58 11.42
CA ALA B 243 22.33 6.68 12.85
C ALA B 243 21.06 7.12 13.58
N GLU B 244 20.15 7.77 12.86
CA GLU B 244 18.89 8.22 13.45
C GLU B 244 17.78 7.19 13.22
N ARG B 245 17.78 6.61 12.03
CA ARG B 245 16.79 5.61 11.65
C ARG B 245 17.04 4.29 12.39
N GLN B 246 18.29 3.83 12.39
CA GLN B 246 18.64 2.58 13.08
C GLN B 246 18.38 2.69 14.56
N GLN B 247 18.50 3.89 15.11
CA GLN B 247 18.25 4.13 16.52
C GLN B 247 16.74 4.23 16.71
N LYS B 248 16.08 5.03 15.87
CA LYS B 248 14.62 5.19 15.95
C LYS B 248 13.91 3.85 15.75
N LEU B 249 14.39 3.09 14.77
CA LEU B 249 13.86 1.77 14.43
C LEU B 249 13.62 0.91 15.65
N ALA B 250 14.71 0.48 16.30
CA ALA B 250 14.63 -0.35 17.51
C ALA B 250 13.94 0.36 18.66
N GLN B 251 13.83 1.68 18.57
CA GLN B 251 13.18 2.44 19.62
C GLN B 251 11.71 2.01 19.72
N MET B 252 11.21 1.45 18.63
CA MET B 252 9.82 0.98 18.56
C MET B 252 9.77 -0.55 18.48
N LEU B 253 10.66 -1.12 17.68
CA LEU B 253 10.74 -2.57 17.51
C LEU B 253 10.76 -3.28 18.86
N SER B 254 11.31 -2.61 19.87
CA SER B 254 11.38 -3.14 21.24
C SER B 254 9.98 -3.04 21.81
N ARG B 255 9.40 -1.85 21.61
CA ARG B 255 8.04 -1.57 22.04
C ARG B 255 7.14 -2.67 21.50
N LEU B 256 7.46 -3.15 20.30
CA LEU B 256 6.69 -4.21 19.67
C LEU B 256 6.85 -5.45 20.53
N GLN B 257 8.09 -5.84 20.78
CA GLN B 257 8.35 -7.02 21.60
C GLN B 257 7.59 -6.98 22.91
N LYS B 258 7.82 -5.94 23.71
CA LYS B 258 7.16 -5.81 25.01
C LYS B 258 5.68 -6.11 24.92
N ILE B 259 5.05 -5.64 23.85
CA ILE B 259 3.64 -5.91 23.65
C ILE B 259 3.51 -7.42 23.50
N SER B 260 3.96 -7.91 22.35
CA SER B 260 3.96 -9.34 22.02
C SER B 260 3.87 -10.28 23.22
N GLU B 261 4.98 -10.37 23.95
CA GLU B 261 5.10 -11.24 25.11
C GLU B 261 4.29 -10.80 26.33
N GLU B 262 4.29 -9.49 26.62
CA GLU B 262 3.52 -9.02 27.77
C GLU B 262 2.04 -9.31 27.55
N TYR B 263 1.40 -8.55 26.65
CA TYR B 263 -0.03 -8.74 26.36
C TYR B 263 -0.36 -10.09 25.76
N ASN B 264 0.65 -10.85 25.41
CA ASN B 264 0.44 -12.17 24.83
C ASN B 264 -0.45 -12.14 23.62
N VAL B 265 0.17 -12.07 22.45
CA VAL B 265 -0.54 -12.09 21.19
C VAL B 265 0.43 -12.81 20.28
N ALA B 266 0.30 -12.57 18.99
CA ALA B 266 1.20 -13.16 18.05
C ALA B 266 1.32 -12.02 17.06
N VAL B 267 2.50 -11.44 16.96
CA VAL B 267 2.68 -10.35 16.00
C VAL B 267 3.43 -10.85 14.79
N PHE B 268 2.80 -10.69 13.63
CA PHE B 268 3.37 -11.12 12.37
C PHE B 268 3.80 -9.89 11.60
N VAL B 269 5.01 -9.90 11.06
CA VAL B 269 5.49 -8.76 10.30
C VAL B 269 6.26 -9.19 9.06
N THR B 270 6.00 -8.47 7.98
CA THR B 270 6.61 -8.75 6.68
C THR B 270 7.65 -7.72 6.28
N ASN B 271 8.62 -8.16 5.47
CA ASN B 271 9.67 -7.29 4.94
C ASN B 271 10.58 -7.92 3.86
N GLN B 272 11.52 -7.12 3.35
CA GLN B 272 12.45 -7.54 2.29
C GLN B 272 13.92 -7.14 2.49
N MET B 273 14.42 -7.26 3.74
CA MET B 273 15.81 -6.92 4.12
C MET B 273 16.73 -8.13 4.43
N GLY B 293 22.89 -10.07 12.53
CA GLY B 293 23.07 -8.98 13.53
C GLY B 293 22.19 -7.77 13.28
N HIS B 294 21.42 -7.81 12.19
CA HIS B 294 20.52 -6.71 11.82
C HIS B 294 19.50 -6.43 12.92
N ILE B 295 19.45 -5.19 13.37
CA ILE B 295 18.53 -4.79 14.43
C ILE B 295 17.16 -5.47 14.33
N LEU B 296 16.64 -5.64 13.12
CA LEU B 296 15.34 -6.30 12.96
C LEU B 296 15.58 -7.83 12.86
N ALA B 297 16.59 -8.32 13.56
CA ALA B 297 16.88 -9.74 13.54
C ALA B 297 16.64 -10.29 14.93
N HIS B 298 17.42 -9.81 15.89
CA HIS B 298 17.22 -10.26 17.26
C HIS B 298 15.82 -9.80 17.60
N ALA B 299 15.36 -8.77 16.88
CA ALA B 299 14.03 -8.21 17.09
C ALA B 299 12.94 -9.28 16.97
N SER B 300 12.82 -9.86 15.80
CA SER B 300 11.83 -10.90 15.54
C SER B 300 12.40 -12.25 15.96
N THR B 301 11.72 -12.90 16.90
CA THR B 301 12.20 -14.18 17.40
C THR B 301 12.22 -15.29 16.33
N THR B 302 11.27 -15.22 15.39
CA THR B 302 11.22 -16.21 14.32
C THR B 302 11.26 -15.46 13.01
N ARG B 303 11.94 -16.04 12.02
CA ARG B 303 12.03 -15.40 10.73
C ARG B 303 11.77 -16.43 9.65
N ILE B 304 10.86 -16.11 8.74
CA ILE B 304 10.53 -17.04 7.67
C ILE B 304 10.88 -16.43 6.33
N SER B 305 11.61 -17.17 5.51
CA SER B 305 12.00 -16.72 4.18
C SER B 305 11.14 -17.49 3.18
N LEU B 306 10.52 -16.76 2.26
CA LEU B 306 9.63 -17.37 1.27
C LEU B 306 10.15 -17.31 -0.16
N ARG B 307 10.04 -18.41 -0.89
CA ARG B 307 10.47 -18.48 -2.29
C ARG B 307 9.36 -19.16 -3.08
N LYS B 308 9.11 -18.67 -4.30
CA LYS B 308 8.06 -19.24 -5.14
C LYS B 308 8.53 -20.36 -6.05
N GLY B 309 7.89 -21.52 -5.95
CA GLY B 309 8.26 -22.65 -6.78
C GLY B 309 7.36 -22.84 -7.99
N ARG B 310 7.40 -21.86 -8.90
CA ARG B 310 6.59 -21.86 -10.12
C ARG B 310 5.12 -21.53 -9.91
N GLY B 311 4.83 -20.23 -9.80
CA GLY B 311 3.47 -19.76 -9.63
C GLY B 311 2.60 -20.35 -8.53
N GLU B 312 1.95 -21.47 -8.82
CA GLU B 312 1.04 -22.13 -7.88
C GLU B 312 1.54 -22.35 -6.44
N LEU B 313 2.70 -23.00 -6.28
CA LEU B 313 3.25 -23.29 -4.96
C LEU B 313 4.30 -22.30 -4.46
N ARG B 314 4.62 -22.38 -3.17
CA ARG B 314 5.61 -21.52 -2.54
C ARG B 314 6.43 -22.29 -1.51
N ILE B 315 7.71 -21.93 -1.40
CA ILE B 315 8.61 -22.58 -0.45
C ILE B 315 9.00 -21.60 0.65
N ALA B 316 8.47 -21.84 1.85
CA ALA B 316 8.77 -21.01 2.99
C ALA B 316 9.83 -21.71 3.82
N LYS B 317 10.99 -21.08 3.97
CA LYS B 317 12.06 -21.66 4.76
C LYS B 317 12.27 -20.84 6.01
N ILE B 318 13.07 -21.35 6.93
CA ILE B 318 13.37 -20.67 8.17
C ILE B 318 14.79 -20.11 8.10
N TYR B 319 14.90 -18.79 8.19
CA TYR B 319 16.19 -18.13 8.14
C TYR B 319 16.92 -18.40 9.42
N ASP B 320 16.26 -18.11 10.54
CA ASP B 320 16.84 -18.29 11.86
C ASP B 320 15.80 -18.26 12.96
N SER B 321 15.57 -19.41 13.61
CA SER B 321 14.59 -19.50 14.69
C SER B 321 14.89 -20.66 15.62
N PRO B 322 14.38 -20.59 16.86
CA PRO B 322 14.57 -21.62 17.89
C PRO B 322 14.14 -23.00 17.43
N GLU B 323 15.07 -23.95 17.46
CA GLU B 323 14.77 -25.31 17.05
C GLU B 323 14.33 -25.27 15.58
N MET B 324 15.23 -24.82 14.71
CA MET B 324 14.93 -24.68 13.28
C MET B 324 15.23 -25.91 12.41
N PRO B 325 14.19 -26.47 11.77
CA PRO B 325 14.31 -27.64 10.89
C PRO B 325 14.95 -27.29 9.54
N GLU B 326 15.78 -28.20 9.02
CA GLU B 326 16.44 -27.95 7.73
C GLU B 326 15.41 -28.04 6.61
N ASN B 327 14.55 -29.05 6.69
CA ASN B 327 13.50 -29.26 5.69
C ASN B 327 12.73 -27.99 5.41
N GLU B 328 12.12 -27.91 4.22
CA GLU B 328 11.35 -26.74 3.83
C GLU B 328 9.86 -27.07 3.79
N ALA B 329 9.04 -26.05 3.56
CA ALA B 329 7.61 -26.25 3.49
C ALA B 329 7.08 -25.83 2.13
N THR B 330 6.06 -26.54 1.65
CA THR B 330 5.45 -26.28 0.36
C THR B 330 3.96 -25.99 0.50
N PHE B 331 3.61 -24.71 0.42
CA PHE B 331 2.21 -24.29 0.54
C PHE B 331 1.77 -23.64 -0.76
N ALA B 332 0.46 -23.55 -0.97
CA ALA B 332 -0.08 -22.93 -2.17
C ALA B 332 -0.86 -21.69 -1.83
N ILE B 333 -1.04 -20.83 -2.81
CA ILE B 333 -1.80 -19.59 -2.61
C ILE B 333 -3.06 -19.66 -3.42
N THR B 334 -4.18 -19.32 -2.80
CA THR B 334 -5.46 -19.34 -3.47
C THR B 334 -6.35 -18.27 -2.87
N ALA B 335 -7.46 -17.99 -3.56
CA ALA B 335 -8.40 -16.99 -3.07
C ALA B 335 -8.71 -17.30 -1.61
N GLY B 336 -8.92 -18.58 -1.32
CA GLY B 336 -9.22 -18.99 0.03
C GLY B 336 -7.98 -18.87 0.89
N GLY B 337 -7.15 -17.88 0.59
CA GLY B 337 -5.94 -17.67 1.35
C GLY B 337 -4.87 -18.72 1.07
N ILE B 338 -4.13 -19.10 2.11
CA ILE B 338 -3.08 -20.10 1.97
C ILE B 338 -3.56 -21.45 2.48
N GLY B 339 -3.04 -22.50 1.85
CA GLY B 339 -3.39 -23.86 2.22
C GLY B 339 -2.34 -24.80 1.64
N ASP B 340 -2.51 -26.09 1.91
CA ASP B 340 -1.58 -27.10 1.43
C ASP B 340 -1.62 -27.28 -0.08
N ALA B 341 -0.58 -27.91 -0.61
CA ALA B 341 -0.49 -28.17 -2.05
C ALA B 341 -0.65 -29.66 -2.32
N LYS B 342 -1.83 -30.05 -2.79
CA LYS B 342 -2.13 -31.45 -3.08
C LYS B 342 -1.52 -31.93 -4.39
N GLU B 343 -1.70 -33.23 -4.67
CA GLU B 343 -1.17 -33.86 -5.87
C GLU B 343 -1.45 -33.07 -7.16
#